data_2I9M
#
_entry.id   2I9M
#
_cell.length_a   1.000
_cell.length_b   1.000
_cell.length_c   1.000
_cell.angle_alpha   90.00
_cell.angle_beta   90.00
_cell.angle_gamma   90.00
#
_symmetry.space_group_name_H-M   'P 1'
#
_entity_poly.entity_id   1
_entity_poly.type   'polypeptide(L)'
_entity_poly.pdbx_seq_one_letter_code
;SAAEAYAKRIAEAMAKG
;
_entity_poly.pdbx_strand_id   A
#
# COMPACT_ATOMS: atom_id res chain seq x y z
N SER A 1 -4.86 1.05 -11.71
CA SER A 1 -4.17 -0.17 -12.10
C SER A 1 -4.03 -1.12 -10.91
N ALA A 2 -3.77 -2.39 -11.20
CA ALA A 2 -3.62 -3.40 -10.16
C ALA A 2 -2.49 -3.03 -9.21
N ALA A 3 -1.37 -2.58 -9.77
CA ALA A 3 -0.21 -2.20 -8.98
C ALA A 3 -0.48 -0.92 -8.20
N GLU A 4 -1.51 -0.18 -8.61
CA GLU A 4 -1.87 1.06 -7.95
C GLU A 4 -2.84 0.81 -6.80
N ALA A 5 -3.53 -0.33 -6.85
CA ALA A 5 -4.49 -0.69 -5.82
C ALA A 5 -3.83 -1.54 -4.73
N TYR A 6 -2.85 -2.33 -5.13
CA TYR A 6 -2.13 -3.20 -4.20
C TYR A 6 -1.13 -2.40 -3.36
N ALA A 7 -0.05 -1.95 -4.01
CA ALA A 7 0.98 -1.18 -3.33
C ALA A 7 0.36 -0.14 -2.41
N LYS A 8 -0.73 0.46 -2.85
CA LYS A 8 -1.43 1.48 -2.05
C LYS A 8 -1.53 1.05 -0.60
N ARG A 9 -2.19 -0.08 -0.36
CA ARG A 9 -2.37 -0.60 0.99
C ARG A 9 -1.03 -0.83 1.66
N ILE A 10 -0.21 -1.70 1.06
CA ILE A 10 1.10 -2.02 1.61
C ILE A 10 1.75 -0.78 2.22
N ALA A 11 2.15 0.16 1.37
CA ALA A 11 2.78 1.39 1.82
C ALA A 11 2.17 1.86 3.13
N GLU A 12 0.84 1.86 3.20
CA GLU A 12 0.13 2.29 4.40
C GLU A 12 0.47 1.39 5.58
N ALA A 13 0.11 0.12 5.46
CA ALA A 13 0.37 -0.85 6.53
C ALA A 13 1.84 -0.82 6.94
N MET A 14 2.70 -0.36 6.03
CA MET A 14 4.13 -0.29 6.30
C MET A 14 4.48 1.02 7.01
N ALA A 15 3.48 1.64 7.63
CA ALA A 15 3.69 2.90 8.34
C ALA A 15 3.11 2.83 9.75
N LYS A 16 1.79 2.72 9.84
CA LYS A 16 1.11 2.65 11.13
C LYS A 16 1.78 3.57 12.15
N GLY A 17 1.96 4.83 11.77
CA GLY A 17 2.59 5.80 12.65
C GLY A 17 1.60 6.84 13.15
N SER A 1 -5.11 0.22 -11.58
CA SER A 1 -4.60 -1.10 -11.92
C SER A 1 -4.45 -1.96 -10.67
N ALA A 2 -4.04 -3.21 -10.86
CA ALA A 2 -3.84 -4.13 -9.75
C ALA A 2 -2.58 -3.81 -8.96
N ALA A 3 -1.67 -3.09 -9.61
CA ALA A 3 -0.41 -2.71 -8.98
C ALA A 3 -0.52 -1.33 -8.32
N GLU A 4 -1.57 -0.60 -8.68
CA GLU A 4 -1.79 0.73 -8.12
C GLU A 4 -2.71 0.67 -6.91
N ALA A 5 -3.50 -0.39 -6.82
CA ALA A 5 -4.42 -0.57 -5.71
C ALA A 5 -3.78 -1.39 -4.60
N TYR A 6 -2.81 -2.23 -4.96
CA TYR A 6 -2.13 -3.07 -3.99
C TYR A 6 -1.04 -2.28 -3.25
N ALA A 7 0.03 -1.94 -3.97
CA ALA A 7 1.13 -1.19 -3.38
C ALA A 7 0.61 -0.02 -2.54
N LYS A 8 -0.52 0.53 -2.95
CA LYS A 8 -1.12 1.64 -2.23
C LYS A 8 -1.28 1.32 -0.75
N ARG A 9 -2.03 0.28 -0.45
CA ARG A 9 -2.26 -0.14 0.94
C ARG A 9 -0.93 -0.41 1.64
N ILE A 10 -0.15 -1.34 1.09
CA ILE A 10 1.14 -1.69 1.66
C ILE A 10 1.83 -0.47 2.26
N ALA A 11 2.29 0.43 1.39
CA ALA A 11 2.96 1.64 1.82
C ALA A 11 2.35 2.18 3.12
N GLU A 12 1.02 2.24 3.15
CA GLU A 12 0.31 2.74 4.32
C GLU A 12 0.58 1.85 5.54
N ALA A 13 0.17 0.59 5.45
CA ALA A 13 0.38 -0.36 6.54
C ALA A 13 1.83 -0.38 6.98
N MET A 14 2.71 0.15 6.14
CA MET A 14 4.14 0.19 6.45
C MET A 14 4.51 1.49 7.15
N ALA A 15 3.51 2.13 7.77
CA ALA A 15 3.74 3.38 8.48
C ALA A 15 3.11 3.35 9.86
N LYS A 16 2.97 2.15 10.42
CA LYS A 16 2.39 1.97 11.75
C LYS A 16 3.38 1.32 12.70
N GLY A 17 2.99 1.21 13.97
CA GLY A 17 3.86 0.60 14.96
C GLY A 17 3.15 0.32 16.26
N SER A 1 -4.42 0.51 -11.80
CA SER A 1 -3.77 -0.74 -12.15
C SER A 1 -3.67 -1.66 -10.94
N ALA A 2 -3.19 -2.89 -11.17
CA ALA A 2 -3.05 -3.86 -10.08
C ALA A 2 -1.86 -3.53 -9.21
N ALA A 3 -0.92 -2.76 -9.75
CA ALA A 3 0.28 -2.37 -9.01
C ALA A 3 0.06 -1.06 -8.26
N GLU A 4 -1.03 -0.38 -8.59
CA GLU A 4 -1.36 0.89 -7.96
C GLU A 4 -2.39 0.70 -6.85
N ALA A 5 -3.15 -0.39 -6.93
CA ALA A 5 -4.17 -0.70 -5.94
C ALA A 5 -3.61 -1.56 -4.82
N TYR A 6 -2.52 -2.27 -5.11
CA TYR A 6 -1.89 -3.14 -4.12
C TYR A 6 -0.90 -2.36 -3.27
N ALA A 7 0.23 -2.00 -3.87
CA ALA A 7 1.26 -1.25 -3.16
C ALA A 7 0.65 -0.10 -2.35
N LYS A 8 -0.40 0.50 -2.90
CA LYS A 8 -1.07 1.61 -2.23
C LYS A 8 -1.29 1.30 -0.75
N ARG A 9 -2.07 0.26 -0.47
CA ARG A 9 -2.36 -0.13 0.90
C ARG A 9 -1.06 -0.42 1.66
N ILE A 10 -0.28 -1.37 1.16
CA ILE A 10 0.98 -1.74 1.80
C ILE A 10 1.67 -0.51 2.39
N ALA A 11 2.18 0.36 1.52
CA ALA A 11 2.86 1.57 1.95
C ALA A 11 2.21 2.15 3.20
N GLU A 12 0.89 2.23 3.19
CA GLU A 12 0.14 2.77 4.32
C GLU A 12 0.36 1.91 5.56
N ALA A 13 -0.08 0.65 5.49
CA ALA A 13 0.06 -0.27 6.61
C ALA A 13 1.52 -0.36 7.07
N MET A 14 2.43 0.08 6.21
CA MET A 14 3.86 0.05 6.52
C MET A 14 4.33 1.42 7.00
N ALA A 15 3.41 2.19 7.57
CA ALA A 15 3.75 3.51 8.08
C ALA A 15 3.28 3.68 9.53
N LYS A 16 2.09 3.17 9.83
CA LYS A 16 1.54 3.26 11.18
C LYS A 16 2.62 3.04 12.23
N GLY A 17 3.59 2.19 11.90
CA GLY A 17 4.67 1.90 12.83
C GLY A 17 5.51 3.13 13.13
N SER A 1 -4.50 1.14 -11.26
CA SER A 1 -4.19 -0.18 -11.79
C SER A 1 -4.03 -1.20 -10.66
N ALA A 2 -3.75 -2.44 -11.04
CA ALA A 2 -3.57 -3.51 -10.06
C ALA A 2 -2.42 -3.20 -9.12
N ALA A 3 -1.31 -2.72 -9.68
CA ALA A 3 -0.13 -2.38 -8.89
C ALA A 3 -0.34 -1.09 -8.12
N GLU A 4 -1.34 -0.31 -8.53
CA GLU A 4 -1.64 0.96 -7.87
C GLU A 4 -2.61 0.75 -6.71
N ALA A 5 -3.35 -0.35 -6.75
CA ALA A 5 -4.30 -0.68 -5.70
C ALA A 5 -3.66 -1.52 -4.61
N TYR A 6 -2.68 -2.33 -5.00
CA TYR A 6 -1.98 -3.19 -4.05
C TYR A 6 -1.00 -2.39 -3.20
N ALA A 7 0.12 -2.00 -3.82
CA ALA A 7 1.14 -1.23 -3.13
C ALA A 7 0.51 -0.17 -2.22
N LYS A 8 -0.47 0.54 -2.76
CA LYS A 8 -1.16 1.59 -2.00
C LYS A 8 -1.31 1.18 -0.53
N ARG A 9 -2.05 0.10 -0.30
CA ARG A 9 -2.27 -0.40 1.05
C ARG A 9 -0.95 -0.65 1.76
N ILE A 10 -0.16 -1.58 1.23
CA ILE A 10 1.13 -1.91 1.81
C ILE A 10 1.80 -0.68 2.39
N ALA A 11 2.26 0.22 1.51
CA ALA A 11 2.92 1.44 1.95
C ALA A 11 2.30 1.99 3.22
N GLU A 12 0.97 2.03 3.26
CA GLU A 12 0.25 2.53 4.42
C GLU A 12 0.53 1.66 5.65
N ALA A 13 0.14 0.40 5.57
CA ALA A 13 0.34 -0.54 6.67
C ALA A 13 1.79 -0.54 7.12
N MET A 14 2.70 -0.26 6.19
CA MET A 14 4.13 -0.22 6.49
C MET A 14 4.53 1.13 7.06
N ALA A 15 3.54 1.91 7.49
CA ALA A 15 3.80 3.23 8.06
C ALA A 15 3.20 3.35 9.46
N LYS A 16 3.09 2.22 10.15
CA LYS A 16 2.54 2.20 11.50
C LYS A 16 3.51 1.53 12.47
N GLY A 17 4.01 2.32 13.41
CA GLY A 17 4.95 1.79 14.39
C GLY A 17 4.35 1.71 15.79
N SER A 1 -4.83 0.76 -11.27
CA SER A 1 -4.17 -0.42 -11.82
C SER A 1 -4.00 -1.49 -10.75
N ALA A 2 -3.57 -2.68 -11.18
CA ALA A 2 -3.37 -3.80 -10.26
C ALA A 2 -2.24 -3.49 -9.28
N ALA A 3 -1.19 -2.85 -9.76
CA ALA A 3 -0.06 -2.50 -8.92
C ALA A 3 -0.29 -1.18 -8.17
N GLU A 4 -1.29 -0.43 -8.63
CA GLU A 4 -1.62 0.84 -8.01
C GLU A 4 -2.63 0.65 -6.88
N ALA A 5 -3.35 -0.46 -6.92
CA ALA A 5 -4.35 -0.76 -5.90
C ALA A 5 -3.74 -1.56 -4.76
N TYR A 6 -2.69 -2.32 -5.07
CA TYR A 6 -2.01 -3.14 -4.07
C TYR A 6 -1.00 -2.31 -3.28
N ALA A 7 0.09 -1.93 -3.93
CA ALA A 7 1.13 -1.13 -3.29
C ALA A 7 0.52 -0.04 -2.42
N LYS A 8 -0.55 0.57 -2.90
CA LYS A 8 -1.23 1.64 -2.17
C LYS A 8 -1.38 1.27 -0.70
N ARG A 9 -2.06 0.14 -0.45
CA ARG A 9 -2.28 -0.32 0.91
C ARG A 9 -0.96 -0.54 1.63
N ILE A 10 -0.14 -1.45 1.11
CA ILE A 10 1.15 -1.75 1.71
C ILE A 10 1.79 -0.50 2.30
N ALA A 11 2.22 0.41 1.43
CA ALA A 11 2.84 1.65 1.87
C ALA A 11 2.20 2.17 3.14
N GLU A 12 0.88 2.18 3.18
CA GLU A 12 0.15 2.65 4.34
C GLU A 12 0.43 1.78 5.56
N ALA A 13 0.06 0.51 5.47
CA ALA A 13 0.29 -0.44 6.56
C ALA A 13 1.75 -0.44 6.99
N MET A 14 2.62 0.05 6.11
CA MET A 14 4.05 0.11 6.40
C MET A 14 4.43 1.45 7.00
N ALA A 15 3.45 2.16 7.54
CA ALA A 15 3.68 3.46 8.15
C ALA A 15 3.43 3.42 9.66
N LYS A 16 2.47 2.59 10.06
CA LYS A 16 2.12 2.46 11.47
C LYS A 16 3.38 2.32 12.33
N GLY A 17 4.20 1.33 12.01
CA GLY A 17 5.43 1.11 12.76
C GLY A 17 6.14 -0.16 12.34
N SER A 1 -4.17 1.89 -11.25
CA SER A 1 -3.46 0.78 -11.87
C SER A 1 -3.43 -0.43 -10.94
N ALA A 2 -2.83 -1.51 -11.42
CA ALA A 2 -2.73 -2.74 -10.63
C ALA A 2 -1.83 -2.56 -9.43
N ALA A 3 -0.65 -1.99 -9.66
CA ALA A 3 0.30 -1.75 -8.59
C ALA A 3 -0.18 -0.64 -7.65
N GLU A 4 -1.13 0.15 -8.12
CA GLU A 4 -1.68 1.24 -7.34
C GLU A 4 -2.80 0.75 -6.42
N ALA A 5 -3.40 -0.38 -6.78
CA ALA A 5 -4.49 -0.96 -6.00
C ALA A 5 -3.94 -1.87 -4.91
N TYR A 6 -2.85 -2.58 -5.21
CA TYR A 6 -2.24 -3.48 -4.25
C TYR A 6 -1.31 -2.73 -3.30
N ALA A 7 -0.19 -2.25 -3.83
CA ALA A 7 0.78 -1.50 -3.03
C ALA A 7 0.08 -0.45 -2.18
N LYS A 8 -1.13 -0.08 -2.57
CA LYS A 8 -1.89 0.92 -1.84
C LYS A 8 -1.89 0.64 -0.35
N ARG A 9 -2.62 -0.40 0.05
CA ARG A 9 -2.70 -0.78 1.47
C ARG A 9 -1.30 -1.01 2.04
N ILE A 10 -0.57 -1.95 1.45
CA ILE A 10 0.78 -2.27 1.90
C ILE A 10 1.51 -1.01 2.36
N ALA A 11 1.87 -0.15 1.41
CA ALA A 11 2.57 1.09 1.71
C ALA A 11 2.09 1.68 3.02
N GLU A 12 0.77 1.72 3.21
CA GLU A 12 0.18 2.27 4.43
C GLU A 12 0.61 1.45 5.64
N ALA A 13 0.20 0.19 5.66
CA ALA A 13 0.52 -0.70 6.77
C ALA A 13 2.04 -0.75 7.01
N MET A 14 2.79 -0.26 6.04
CA MET A 14 4.25 -0.24 6.15
C MET A 14 4.74 1.13 6.61
N ALA A 15 3.89 1.86 7.32
CA ALA A 15 4.24 3.18 7.82
C ALA A 15 4.12 3.23 9.35
N LYS A 16 2.97 2.79 9.86
CA LYS A 16 2.73 2.80 11.30
C LYS A 16 3.91 2.19 12.05
N GLY A 17 4.30 2.82 13.15
CA GLY A 17 5.41 2.33 13.93
C GLY A 17 5.62 3.14 15.20
N SER A 1 -3.28 1.70 -11.84
CA SER A 1 -2.56 0.48 -12.20
C SER A 1 -2.77 -0.60 -11.14
N ALA A 2 -2.53 -1.85 -11.52
CA ALA A 2 -2.68 -2.97 -10.61
C ALA A 2 -1.82 -2.79 -9.36
N ALA A 3 -0.53 -2.55 -9.57
CA ALA A 3 0.39 -2.35 -8.47
C ALA A 3 0.05 -1.10 -7.67
N GLU A 4 -0.76 -0.23 -8.27
CA GLU A 4 -1.17 1.01 -7.62
C GLU A 4 -2.39 0.78 -6.74
N ALA A 5 -3.14 -0.27 -7.04
CA ALA A 5 -4.34 -0.60 -6.28
C ALA A 5 -4.00 -1.45 -5.06
N TYR A 6 -3.04 -2.37 -5.23
CA TYR A 6 -2.63 -3.24 -4.15
C TYR A 6 -1.69 -2.52 -3.19
N ALA A 7 -0.48 -2.25 -3.66
CA ALA A 7 0.52 -1.55 -2.84
C ALA A 7 -0.10 -0.35 -2.14
N LYS A 8 -1.22 0.13 -2.66
CA LYS A 8 -1.91 1.28 -2.08
C LYS A 8 -2.00 1.15 -0.57
N ARG A 9 -2.83 0.21 -0.11
CA ARG A 9 -3.02 -0.01 1.32
C ARG A 9 -1.68 -0.32 2.00
N ILE A 10 -1.05 -1.41 1.56
CA ILE A 10 0.24 -1.81 2.13
C ILE A 10 1.09 -0.60 2.49
N ALA A 11 1.57 0.10 1.47
CA ALA A 11 2.41 1.28 1.68
C ALA A 11 1.94 2.05 2.92
N GLU A 12 0.64 2.27 3.02
CA GLU A 12 0.07 3.00 4.16
C GLU A 12 0.34 2.26 5.46
N ALA A 13 -0.22 1.06 5.58
CA ALA A 13 -0.04 0.26 6.78
C ALA A 13 1.43 0.16 7.17
N MET A 14 2.30 0.23 6.18
CA MET A 14 3.74 0.15 6.41
C MET A 14 4.30 1.52 6.79
N ALA A 15 3.42 2.41 7.22
CA ALA A 15 3.83 3.76 7.61
C ALA A 15 3.46 4.05 9.06
N LYS A 16 2.34 3.50 9.50
CA LYS A 16 1.87 3.69 10.87
C LYS A 16 3.00 3.52 11.87
N GLY A 17 3.89 2.57 11.59
CA GLY A 17 5.02 2.33 12.48
C GLY A 17 4.73 1.24 13.49
N SER A 1 -4.31 2.01 -11.52
CA SER A 1 -3.37 0.99 -11.94
C SER A 1 -3.38 -0.20 -10.99
N ALA A 2 -3.11 -1.39 -11.52
CA ALA A 2 -3.09 -2.60 -10.72
C ALA A 2 -2.17 -2.45 -9.50
N ALA A 3 -0.92 -2.11 -9.76
CA ALA A 3 0.06 -1.93 -8.71
C ALA A 3 -0.31 -0.76 -7.80
N GLU A 4 -1.20 0.10 -8.29
CA GLU A 4 -1.64 1.26 -7.53
C GLU A 4 -2.76 0.88 -6.56
N ALA A 5 -3.46 -0.21 -6.87
CA ALA A 5 -4.55 -0.68 -6.03
C ALA A 5 -4.05 -1.62 -4.94
N TYR A 6 -3.00 -2.37 -5.25
CA TYR A 6 -2.43 -3.32 -4.30
C TYR A 6 -1.47 -2.61 -3.35
N ALA A 7 -0.33 -2.18 -3.87
CA ALA A 7 0.66 -1.48 -3.06
C ALA A 7 0.01 -0.40 -2.19
N LYS A 8 -1.19 0.02 -2.58
CA LYS A 8 -1.91 1.04 -1.84
C LYS A 8 -1.88 0.75 -0.35
N ARG A 9 -2.59 -0.28 0.07
CA ARG A 9 -2.64 -0.67 1.49
C ARG A 9 -1.23 -0.92 2.02
N ILE A 10 -0.54 -1.90 1.43
CA ILE A 10 0.81 -2.24 1.86
C ILE A 10 1.58 -0.99 2.29
N ALA A 11 1.93 -0.16 1.31
CA ALA A 11 2.67 1.06 1.59
C ALA A 11 2.25 1.67 2.93
N GLU A 12 0.94 1.76 3.15
CA GLU A 12 0.42 2.33 4.38
C GLU A 12 0.84 1.49 5.59
N ALA A 13 0.40 0.24 5.63
CA ALA A 13 0.75 -0.66 6.71
C ALA A 13 2.24 -0.62 7.02
N MET A 14 3.03 -0.29 6.01
CA MET A 14 4.48 -0.20 6.17
C MET A 14 4.91 1.23 6.47
N ALA A 15 4.04 1.99 7.13
CA ALA A 15 4.33 3.37 7.47
C ALA A 15 4.06 3.63 8.95
N LYS A 16 2.93 3.15 9.43
CA LYS A 16 2.55 3.34 10.83
C LYS A 16 3.64 2.83 11.76
N GLY A 17 4.05 1.59 11.56
CA GLY A 17 5.09 0.99 12.39
C GLY A 17 5.32 -0.47 12.09
N SER A 1 -3.98 1.23 -11.89
CA SER A 1 -3.16 0.07 -12.21
C SER A 1 -3.22 -0.96 -11.09
N ALA A 2 -2.84 -2.19 -11.41
CA ALA A 2 -2.83 -3.27 -10.43
C ALA A 2 -1.88 -2.97 -9.29
N ALA A 3 -0.67 -2.55 -9.63
CA ALA A 3 0.34 -2.23 -8.62
C ALA A 3 -0.06 -0.98 -7.84
N GLU A 4 -1.04 -0.26 -8.34
CA GLU A 4 -1.51 0.96 -7.69
C GLU A 4 -2.68 0.66 -6.75
N ALA A 5 -3.36 -0.45 -7.00
CA ALA A 5 -4.50 -0.85 -6.18
C ALA A 5 -4.05 -1.72 -5.00
N TYR A 6 -3.02 -2.52 -5.23
CA TYR A 6 -2.49 -3.40 -4.19
C TYR A 6 -1.59 -2.62 -3.22
N ALA A 7 -0.43 -2.22 -3.70
CA ALA A 7 0.51 -1.47 -2.89
C ALA A 7 -0.19 -0.35 -2.13
N LYS A 8 -1.36 0.05 -2.61
CA LYS A 8 -2.14 1.10 -1.97
C LYS A 8 -2.18 0.91 -0.46
N ARG A 9 -2.91 -0.11 -0.02
CA ARG A 9 -3.04 -0.39 1.41
C ARG A 9 -1.67 -0.60 2.04
N ILE A 10 -0.95 -1.61 1.55
CA ILE A 10 0.38 -1.92 2.07
C ILE A 10 1.13 -0.65 2.46
N ALA A 11 1.53 0.13 1.45
CA ALA A 11 2.25 1.38 1.69
C ALA A 11 1.75 2.06 2.96
N GLU A 12 0.43 2.15 3.11
CA GLU A 12 -0.17 2.79 4.28
C GLU A 12 0.20 2.04 5.55
N ALA A 13 -0.25 0.78 5.65
CA ALA A 13 0.04 -0.05 6.80
C ALA A 13 1.53 -0.09 7.10
N MET A 14 2.34 0.23 6.10
CA MET A 14 3.79 0.22 6.26
C MET A 14 4.30 1.61 6.61
N ALA A 15 3.40 2.46 7.09
CA ALA A 15 3.76 3.82 7.47
C ALA A 15 3.38 4.10 8.92
N LYS A 16 2.33 3.46 9.39
CA LYS A 16 1.87 3.63 10.76
C LYS A 16 3.04 3.72 11.72
N GLY A 17 2.86 4.48 12.81
CA GLY A 17 3.91 4.63 13.79
C GLY A 17 3.76 5.88 14.63
N SER A 1 -3.97 1.94 -11.73
CA SER A 1 -3.28 0.74 -12.19
C SER A 1 -3.35 -0.36 -11.13
N ALA A 2 -3.11 -1.60 -11.56
CA ALA A 2 -3.15 -2.74 -10.65
C ALA A 2 -2.18 -2.54 -9.49
N ALA A 3 -0.98 -2.09 -9.80
CA ALA A 3 0.04 -1.85 -8.78
C ALA A 3 -0.33 -0.67 -7.89
N GLU A 4 -1.27 0.14 -8.36
CA GLU A 4 -1.72 1.31 -7.59
C GLU A 4 -2.86 0.94 -6.65
N ALA A 5 -3.54 -0.15 -6.96
CA ALA A 5 -4.65 -0.62 -6.14
C ALA A 5 -4.16 -1.54 -5.02
N TYR A 6 -3.10 -2.28 -5.30
CA TYR A 6 -2.54 -3.20 -4.32
C TYR A 6 -1.64 -2.46 -3.33
N ALA A 7 -0.49 -2.00 -3.82
CA ALA A 7 0.46 -1.28 -2.97
C ALA A 7 -0.26 -0.29 -2.07
N LYS A 8 -1.46 0.12 -2.47
CA LYS A 8 -2.25 1.06 -1.69
C LYS A 8 -2.17 0.74 -0.21
N ARG A 9 -2.75 -0.40 0.18
CA ARG A 9 -2.74 -0.83 1.57
C ARG A 9 -1.31 -0.99 2.09
N ILE A 10 -0.57 -1.91 1.47
CA ILE A 10 0.81 -2.17 1.86
C ILE A 10 1.51 -0.88 2.28
N ALA A 11 1.78 -0.02 1.31
CA ALA A 11 2.44 1.25 1.57
C ALA A 11 2.03 1.81 2.93
N GLU A 12 0.72 1.82 3.19
CA GLU A 12 0.20 2.33 4.45
C GLU A 12 0.72 1.51 5.63
N ALA A 13 0.36 0.24 5.66
CA ALA A 13 0.78 -0.65 6.74
C ALA A 13 2.29 -0.57 6.94
N MET A 14 2.99 -0.07 5.93
CA MET A 14 4.45 0.06 6.01
C MET A 14 4.85 1.49 6.37
N ALA A 15 3.96 2.18 7.07
CA ALA A 15 4.23 3.56 7.48
C ALA A 15 3.90 3.76 8.96
N LYS A 16 2.85 3.08 9.43
CA LYS A 16 2.44 3.19 10.82
C LYS A 16 3.33 2.35 11.72
N GLY A 17 3.37 1.05 11.46
CA GLY A 17 4.19 0.15 12.26
C GLY A 17 5.24 -0.57 11.43
N SER A 1 -3.15 1.66 -11.86
CA SER A 1 -2.82 0.31 -12.29
C SER A 1 -2.99 -0.69 -11.14
N ALA A 2 -2.88 -1.98 -11.46
CA ALA A 2 -3.03 -3.02 -10.47
C ALA A 2 -2.08 -2.80 -9.29
N ALA A 3 -0.81 -2.55 -9.61
CA ALA A 3 0.20 -2.32 -8.58
C ALA A 3 -0.10 -1.05 -7.79
N GLU A 4 -0.96 -0.21 -8.35
CA GLU A 4 -1.32 1.04 -7.70
C GLU A 4 -2.52 0.84 -6.75
N ALA A 5 -3.28 -0.22 -7.00
CA ALA A 5 -4.44 -0.53 -6.18
C ALA A 5 -4.06 -1.42 -5.00
N TYR A 6 -3.01 -2.22 -5.19
CA TYR A 6 -2.55 -3.11 -4.15
C TYR A 6 -1.62 -2.39 -3.16
N ALA A 7 -0.43 -2.04 -3.64
CA ALA A 7 0.55 -1.34 -2.81
C ALA A 7 -0.11 -0.19 -2.05
N LYS A 8 -1.26 0.26 -2.55
CA LYS A 8 -1.99 1.36 -1.92
C LYS A 8 -2.06 1.17 -0.40
N ARG A 9 -2.85 0.19 0.03
CA ARG A 9 -3.00 -0.10 1.45
C ARG A 9 -1.65 -0.39 2.10
N ILE A 10 -0.98 -1.42 1.61
CA ILE A 10 0.32 -1.80 2.14
C ILE A 10 1.14 -0.58 2.55
N ALA A 11 1.58 0.19 1.55
CA ALA A 11 2.35 1.39 1.80
C ALA A 11 1.89 2.09 3.07
N GLU A 12 0.58 2.26 3.20
CA GLU A 12 0.00 2.91 4.37
C GLU A 12 0.32 2.13 5.64
N ALA A 13 -0.19 0.91 5.72
CA ALA A 13 0.04 0.07 6.88
C ALA A 13 1.51 0.05 7.28
N MET A 14 2.38 0.18 6.28
CA MET A 14 3.82 0.20 6.52
C MET A 14 4.33 1.60 6.81
N ALA A 15 3.43 2.46 7.30
CA ALA A 15 3.78 3.83 7.61
C ALA A 15 3.38 4.19 9.04
N LYS A 16 2.33 3.54 9.54
CA LYS A 16 1.84 3.80 10.89
C LYS A 16 2.98 3.76 11.89
N GLY A 17 3.99 2.93 11.61
CA GLY A 17 5.12 2.82 12.50
C GLY A 17 5.90 1.53 12.31
N SER A 1 -5.92 0.43 -8.90
CA SER A 1 -5.57 -0.41 -10.03
C SER A 1 -4.95 -1.73 -9.56
N ALA A 2 -4.53 -2.54 -10.52
CA ALA A 2 -3.91 -3.83 -10.21
C ALA A 2 -2.74 -3.67 -9.24
N ALA A 3 -1.93 -2.64 -9.47
CA ALA A 3 -0.78 -2.37 -8.61
C ALA A 3 -0.95 -1.04 -7.87
N GLU A 4 -1.90 -0.24 -8.32
CA GLU A 4 -2.17 1.05 -7.70
C GLU A 4 -3.03 0.89 -6.45
N ALA A 5 -3.75 -0.22 -6.38
CA ALA A 5 -4.61 -0.50 -5.23
C ALA A 5 -3.89 -1.34 -4.19
N TYR A 6 -2.95 -2.17 -4.65
CA TYR A 6 -2.19 -3.04 -3.75
C TYR A 6 -1.13 -2.24 -3.00
N ALA A 7 -0.10 -1.80 -3.73
CA ALA A 7 0.99 -1.03 -3.13
C ALA A 7 0.45 0.00 -2.15
N LYS A 8 -0.62 0.69 -2.53
CA LYS A 8 -1.24 1.69 -1.68
C LYS A 8 -1.39 1.18 -0.25
N ARG A 9 -2.08 0.05 -0.11
CA ARG A 9 -2.30 -0.55 1.20
C ARG A 9 -0.97 -0.86 1.89
N ILE A 10 -0.16 -1.69 1.25
CA ILE A 10 1.14 -2.07 1.79
C ILE A 10 1.77 -0.91 2.56
N ALA A 11 2.19 0.11 1.83
CA ALA A 11 2.81 1.28 2.44
C ALA A 11 2.17 1.60 3.79
N GLU A 12 0.84 1.61 3.81
CA GLU A 12 0.10 1.90 5.03
C GLU A 12 0.40 0.86 6.11
N ALA A 13 0.03 -0.39 5.84
CA ALA A 13 0.25 -1.47 6.78
C ALA A 13 1.73 -1.65 7.07
N MET A 14 2.57 -0.97 6.29
CA MET A 14 4.02 -1.06 6.46
C MET A 14 4.60 0.29 6.89
N ALA A 15 3.71 1.23 7.21
CA ALA A 15 4.14 2.56 7.64
C ALA A 15 3.72 2.83 9.07
N LYS A 16 2.51 2.38 9.43
CA LYS A 16 1.99 2.58 10.77
C LYS A 16 2.62 1.59 11.75
N GLY A 17 2.54 0.30 11.41
CA GLY A 17 3.09 -0.74 12.26
C GLY A 17 4.61 -0.74 12.25
N SER A 1 -3.67 0.63 -10.43
CA SER A 1 -4.33 -0.40 -11.23
C SER A 1 -3.89 -1.80 -10.80
N ALA A 2 -2.68 -2.19 -11.16
CA ALA A 2 -2.15 -3.49 -10.81
C ALA A 2 -1.07 -3.38 -9.73
N ALA A 3 -0.50 -2.19 -9.60
CA ALA A 3 0.54 -1.94 -8.60
C ALA A 3 0.24 -0.68 -7.80
N GLU A 4 -0.82 0.03 -8.18
CA GLU A 4 -1.21 1.25 -7.49
C GLU A 4 -2.38 0.98 -6.54
N ALA A 5 -3.12 -0.08 -6.82
CA ALA A 5 -4.27 -0.44 -5.99
C ALA A 5 -3.85 -1.35 -4.83
N TYR A 6 -2.84 -2.18 -5.09
CA TYR A 6 -2.35 -3.11 -4.07
C TYR A 6 -1.35 -2.42 -3.15
N ALA A 7 -0.17 -2.12 -3.69
CA ALA A 7 0.88 -1.45 -2.92
C ALA A 7 0.32 -0.27 -2.15
N LYS A 8 -0.83 0.23 -2.59
CA LYS A 8 -1.47 1.37 -1.94
C LYS A 8 -1.69 1.09 -0.45
N ARG A 9 -2.62 0.19 -0.15
CA ARG A 9 -2.92 -0.16 1.23
C ARG A 9 -1.65 -0.53 1.99
N ILE A 10 -0.94 -1.54 1.50
CA ILE A 10 0.29 -1.98 2.14
C ILE A 10 1.08 -0.81 2.70
N ALA A 11 1.63 0.00 1.81
CA ALA A 11 2.41 1.17 2.23
C ALA A 11 1.81 1.82 3.48
N GLU A 12 0.49 1.99 3.47
CA GLU A 12 -0.21 2.59 4.60
C GLU A 12 -0.06 1.74 5.85
N ALA A 13 -0.58 0.52 5.79
CA ALA A 13 -0.50 -0.39 6.93
C ALA A 13 0.95 -0.72 7.27
N MET A 14 1.86 -0.33 6.39
CA MET A 14 3.28 -0.58 6.60
C MET A 14 4.05 0.73 6.82
N ALA A 15 3.29 1.82 6.95
CA ALA A 15 3.89 3.13 7.16
C ALA A 15 3.48 3.72 8.52
N LYS A 16 2.35 3.26 9.04
CA LYS A 16 1.85 3.73 10.32
C LYS A 16 2.94 3.65 11.39
N GLY A 17 3.76 2.62 11.32
CA GLY A 17 4.83 2.45 12.28
C GLY A 17 6.11 3.15 11.86
N SER A 1 -4.22 0.43 -12.19
CA SER A 1 -3.61 -0.83 -12.56
C SER A 1 -3.54 -1.79 -11.38
N ALA A 2 -2.94 -2.96 -11.60
CA ALA A 2 -2.80 -3.95 -10.54
C ALA A 2 -1.72 -3.56 -9.55
N ALA A 3 -0.83 -2.66 -9.96
CA ALA A 3 0.25 -2.20 -9.10
C ALA A 3 -0.15 -0.94 -8.35
N GLU A 4 -1.20 -0.28 -8.82
CA GLU A 4 -1.68 0.94 -8.19
C GLU A 4 -2.74 0.64 -7.14
N ALA A 5 -3.37 -0.52 -7.26
CA ALA A 5 -4.41 -0.94 -6.33
C ALA A 5 -3.81 -1.77 -5.20
N TYR A 6 -2.66 -2.38 -5.45
CA TYR A 6 -2.00 -3.22 -4.46
C TYR A 6 -1.12 -2.37 -3.54
N ALA A 7 -0.02 -1.86 -4.09
CA ALA A 7 0.89 -1.03 -3.31
C ALA A 7 0.15 0.00 -2.48
N LYS A 8 -0.84 0.64 -3.10
CA LYS A 8 -1.65 1.65 -2.42
C LYS A 8 -1.83 1.29 -0.94
N ARG A 9 -2.38 0.09 -0.69
CA ARG A 9 -2.60 -0.36 0.67
C ARG A 9 -1.28 -0.58 1.41
N ILE A 10 -0.52 -1.57 0.95
CA ILE A 10 0.77 -1.87 1.56
C ILE A 10 1.45 -0.61 2.07
N ALA A 11 1.92 0.23 1.15
CA ALA A 11 2.58 1.47 1.50
C ALA A 11 1.97 2.07 2.77
N GLU A 12 0.64 2.15 2.80
CA GLU A 12 -0.07 2.72 3.94
C GLU A 12 0.20 1.90 5.20
N ALA A 13 -0.22 0.63 5.18
CA ALA A 13 -0.04 -0.26 6.32
C ALA A 13 1.43 -0.28 6.76
N MET A 14 2.31 0.17 5.87
CA MET A 14 3.74 0.20 6.17
C MET A 14 4.12 1.50 6.85
N ALA A 15 3.13 2.21 7.39
CA ALA A 15 3.36 3.46 8.09
C ALA A 15 3.08 3.34 9.59
N LYS A 16 2.50 2.21 9.97
CA LYS A 16 2.18 1.95 11.38
C LYS A 16 3.39 1.43 12.13
N GLY A 17 4.51 2.15 12.01
CA GLY A 17 5.72 1.74 12.69
C GLY A 17 6.96 2.35 12.07
N SER A 1 -4.61 1.32 -11.74
CA SER A 1 -4.06 0.06 -12.21
C SER A 1 -3.88 -0.92 -11.05
N ALA A 2 -3.51 -2.16 -11.38
CA ALA A 2 -3.32 -3.19 -10.37
C ALA A 2 -2.22 -2.79 -9.39
N ALA A 3 -1.08 -2.37 -9.91
CA ALA A 3 0.04 -1.95 -9.07
C ALA A 3 -0.33 -0.72 -8.25
N GLU A 4 -1.39 -0.03 -8.66
CA GLU A 4 -1.83 1.16 -7.96
C GLU A 4 -2.83 0.81 -6.86
N ALA A 5 -3.47 -0.35 -6.99
CA ALA A 5 -4.45 -0.80 -6.02
C ALA A 5 -3.79 -1.69 -4.95
N TYR A 6 -2.69 -2.32 -5.32
CA TYR A 6 -1.96 -3.19 -4.40
C TYR A 6 -1.06 -2.39 -3.47
N ALA A 7 0.00 -1.83 -4.04
CA ALA A 7 0.94 -1.02 -3.26
C ALA A 7 0.22 -0.08 -2.32
N LYS A 8 -0.83 0.57 -2.83
CA LYS A 8 -1.61 1.51 -2.03
C LYS A 8 -1.70 1.05 -0.59
N ARG A 9 -2.19 -0.17 -0.38
CA ARG A 9 -2.33 -0.72 0.95
C ARG A 9 -0.96 -0.95 1.60
N ILE A 10 -0.19 -1.87 1.03
CA ILE A 10 1.14 -2.18 1.54
C ILE A 10 1.81 -0.93 2.10
N ALA A 11 2.19 -0.02 1.21
CA ALA A 11 2.85 1.21 1.61
C ALA A 11 2.29 1.72 2.94
N GLU A 12 0.97 1.74 3.05
CA GLU A 12 0.31 2.20 4.27
C GLU A 12 0.67 1.31 5.46
N ALA A 13 0.29 0.04 5.37
CA ALA A 13 0.57 -0.91 6.44
C ALA A 13 2.05 -0.88 6.81
N MET A 14 2.88 -0.35 5.92
CA MET A 14 4.32 -0.27 6.17
C MET A 14 4.69 1.10 6.73
N ALA A 15 3.72 1.77 7.35
CA ALA A 15 3.96 3.08 7.93
C ALA A 15 3.46 3.13 9.38
N LYS A 16 2.19 2.80 9.57
CA LYS A 16 1.59 2.81 10.91
C LYS A 16 2.47 2.05 11.89
N GLY A 17 2.69 0.77 11.62
CA GLY A 17 3.52 -0.05 12.50
C GLY A 17 4.43 -0.98 11.73
N SER A 1 -4.87 0.77 -10.85
CA SER A 1 -4.08 -0.13 -11.68
C SER A 1 -3.75 -1.42 -10.92
N ALA A 2 -3.07 -2.33 -11.60
CA ALA A 2 -2.68 -3.60 -10.98
C ALA A 2 -1.67 -3.39 -9.88
N ALA A 3 -0.63 -2.61 -10.17
CA ALA A 3 0.42 -2.32 -9.19
C ALA A 3 0.11 -1.06 -8.40
N GLU A 4 -0.83 -0.27 -8.90
CA GLU A 4 -1.24 0.97 -8.24
C GLU A 4 -2.31 0.70 -7.19
N ALA A 5 -3.01 -0.42 -7.35
CA ALA A 5 -4.08 -0.78 -6.41
C ALA A 5 -3.53 -1.65 -5.28
N TYR A 6 -2.46 -2.40 -5.57
CA TYR A 6 -1.85 -3.27 -4.57
C TYR A 6 -0.96 -2.47 -3.63
N ALA A 7 0.18 -2.02 -4.13
CA ALA A 7 1.12 -1.24 -3.34
C ALA A 7 0.39 -0.21 -2.48
N LYS A 8 -0.58 0.47 -3.09
CA LYS A 8 -1.35 1.49 -2.38
C LYS A 8 -1.55 1.10 -0.92
N ARG A 9 -2.13 -0.08 -0.70
CA ARG A 9 -2.39 -0.56 0.65
C ARG A 9 -1.08 -0.84 1.39
N ILE A 10 -0.34 -1.83 0.91
CA ILE A 10 0.94 -2.19 1.52
C ILE A 10 1.65 -0.96 2.07
N ALA A 11 2.15 -0.11 1.16
CA ALA A 11 2.85 1.09 1.56
C ALA A 11 2.25 1.69 2.83
N GLU A 12 0.92 1.80 2.86
CA GLU A 12 0.23 2.35 4.01
C GLU A 12 0.46 1.49 5.25
N ALA A 13 0.00 0.25 5.20
CA ALA A 13 0.15 -0.68 6.31
C ALA A 13 1.62 -0.77 6.74
N MET A 14 2.51 -0.35 5.86
CA MET A 14 3.95 -0.39 6.15
C MET A 14 4.44 0.97 6.63
N ALA A 15 3.52 1.77 7.14
CA ALA A 15 3.86 3.10 7.65
C ALA A 15 3.45 3.26 9.11
N LYS A 16 2.45 2.49 9.52
CA LYS A 16 1.97 2.54 10.90
C LYS A 16 3.03 2.03 11.87
N GLY A 17 3.11 2.66 13.03
CA GLY A 17 4.09 2.27 14.03
C GLY A 17 4.19 3.24 15.18
N SER A 1 -4.48 0.01 -10.23
CA SER A 1 -3.59 -0.63 -11.19
C SER A 1 -2.93 -1.87 -10.56
N ALA A 2 -2.07 -2.52 -11.33
CA ALA A 2 -1.38 -3.72 -10.86
C ALA A 2 -0.72 -3.46 -9.51
N ALA A 3 -0.29 -2.22 -9.28
CA ALA A 3 0.36 -1.85 -8.02
C ALA A 3 -0.38 -0.71 -7.35
N GLU A 4 -1.21 -0.01 -8.11
CA GLU A 4 -1.98 1.12 -7.59
C GLU A 4 -3.21 0.62 -6.81
N ALA A 5 -3.68 -0.57 -7.16
CA ALA A 5 -4.83 -1.16 -6.51
C ALA A 5 -4.40 -2.13 -5.42
N TYR A 6 -3.11 -2.35 -5.30
CA TYR A 6 -2.56 -3.26 -4.30
C TYR A 6 -1.67 -2.52 -3.30
N ALA A 7 -0.54 -2.03 -3.81
CA ALA A 7 0.41 -1.30 -2.97
C ALA A 7 -0.30 -0.27 -2.11
N LYS A 8 -1.51 0.11 -2.52
CA LYS A 8 -2.30 1.09 -1.77
C LYS A 8 -2.26 0.80 -0.28
N ARG A 9 -2.92 -0.28 0.13
CA ARG A 9 -2.96 -0.65 1.54
C ARG A 9 -1.55 -0.83 2.09
N ILE A 10 -0.81 -1.78 1.52
CA ILE A 10 0.56 -2.05 1.96
C ILE A 10 1.26 -0.77 2.38
N ALA A 11 1.57 0.08 1.41
CA ALA A 11 2.24 1.35 1.68
C ALA A 11 1.78 1.94 3.01
N GLU A 12 0.46 1.96 3.21
CA GLU A 12 -0.11 2.51 4.44
C GLU A 12 0.35 1.70 5.66
N ALA A 13 -0.02 0.43 5.69
CA ALA A 13 0.35 -0.45 6.79
C ALA A 13 1.85 -0.37 7.08
N MET A 14 2.63 -0.07 6.04
CA MET A 14 4.07 0.03 6.17
C MET A 14 4.49 1.48 6.42
N ALA A 15 3.57 2.27 6.97
CA ALA A 15 3.86 3.67 7.24
C ALA A 15 3.54 4.01 8.70
N LYS A 16 2.54 3.33 9.26
CA LYS A 16 2.14 3.56 10.64
C LYS A 16 3.36 3.63 11.56
N GLY A 17 3.15 4.11 12.78
CA GLY A 17 4.23 4.21 13.73
C GLY A 17 5.40 5.01 13.19
N SER A 1 -4.33 0.51 -10.58
CA SER A 1 -4.92 -0.52 -11.43
C SER A 1 -4.39 -1.90 -11.06
N ALA A 2 -3.15 -2.17 -11.47
CA ALA A 2 -2.53 -3.46 -11.18
C ALA A 2 -1.46 -3.32 -10.12
N ALA A 3 -0.95 -2.10 -9.94
CA ALA A 3 0.07 -1.83 -8.94
C ALA A 3 -0.31 -0.65 -8.06
N GLU A 4 -1.42 0.01 -8.40
CA GLU A 4 -1.89 1.16 -7.63
C GLU A 4 -2.88 0.72 -6.56
N ALA A 5 -3.47 -0.45 -6.75
CA ALA A 5 -4.44 -0.99 -5.80
C ALA A 5 -3.76 -1.91 -4.79
N TYR A 6 -2.60 -2.43 -5.15
CA TYR A 6 -1.85 -3.33 -4.28
C TYR A 6 -0.95 -2.54 -3.34
N ALA A 7 0.10 -1.93 -3.89
CA ALA A 7 1.03 -1.15 -3.09
C ALA A 7 0.31 -0.26 -2.11
N LYS A 8 -0.75 0.40 -2.58
CA LYS A 8 -1.54 1.30 -1.75
C LYS A 8 -1.61 0.78 -0.31
N ARG A 9 -2.08 -0.46 -0.14
CA ARG A 9 -2.19 -1.07 1.17
C ARG A 9 -0.82 -1.29 1.78
N ILE A 10 -0.04 -2.18 1.17
CA ILE A 10 1.30 -2.49 1.65
C ILE A 10 1.97 -1.25 2.25
N ALA A 11 2.33 -0.32 1.39
CA ALA A 11 2.97 0.92 1.83
C ALA A 11 2.43 1.37 3.18
N GLU A 12 1.11 1.37 3.31
CA GLU A 12 0.46 1.78 4.56
C GLU A 12 0.86 0.85 5.70
N ALA A 13 0.49 -0.41 5.58
CA ALA A 13 0.80 -1.40 6.60
C ALA A 13 2.23 -1.22 7.12
N MET A 14 3.12 -0.80 6.24
CA MET A 14 4.52 -0.59 6.61
C MET A 14 4.74 0.84 7.11
N ALA A 15 3.73 1.39 7.76
CA ALA A 15 3.81 2.75 8.29
C ALA A 15 3.31 2.81 9.72
N LYS A 16 2.18 2.15 9.99
CA LYS A 16 1.59 2.13 11.32
C LYS A 16 2.60 1.63 12.35
N GLY A 17 2.73 2.36 13.45
CA GLY A 17 3.66 1.97 14.49
C GLY A 17 4.87 2.89 14.58
N SER A 1 -4.80 0.63 -11.44
CA SER A 1 -4.19 -0.62 -11.86
C SER A 1 -4.04 -1.57 -10.69
N ALA A 2 -3.58 -2.79 -10.97
CA ALA A 2 -3.39 -3.79 -9.94
C ALA A 2 -2.15 -3.50 -9.09
N ALA A 3 -1.27 -2.65 -9.63
CA ALA A 3 -0.05 -2.29 -8.93
C ALA A 3 -0.22 -0.97 -8.17
N GLU A 4 -1.28 -0.25 -8.50
CA GLU A 4 -1.57 1.03 -7.85
C GLU A 4 -2.54 0.85 -6.69
N ALA A 5 -3.29 -0.25 -6.72
CA ALA A 5 -4.26 -0.55 -5.68
C ALA A 5 -3.65 -1.41 -4.58
N TYR A 6 -2.67 -2.23 -4.96
CA TYR A 6 -2.02 -3.12 -4.01
C TYR A 6 -0.96 -2.35 -3.20
N ALA A 7 0.13 -1.98 -3.86
CA ALA A 7 1.20 -1.24 -3.19
C ALA A 7 0.64 -0.18 -2.25
N LYS A 8 -0.39 0.53 -2.71
CA LYS A 8 -1.01 1.57 -1.90
C LYS A 8 -1.14 1.14 -0.44
N ARG A 9 -1.83 0.03 -0.22
CA ARG A 9 -2.03 -0.49 1.12
C ARG A 9 -0.69 -0.78 1.79
N ILE A 10 0.08 -1.69 1.20
CA ILE A 10 1.38 -2.06 1.74
C ILE A 10 2.07 -0.85 2.39
N ALA A 11 2.49 0.10 1.56
CA ALA A 11 3.16 1.29 2.06
C ALA A 11 2.51 1.79 3.34
N GLU A 12 1.18 1.71 3.40
CA GLU A 12 0.44 2.15 4.57
C GLU A 12 0.58 1.16 5.72
N ALA A 13 0.09 -0.06 5.48
CA ALA A 13 0.16 -1.11 6.50
C ALA A 13 1.61 -1.40 6.89
N MET A 14 2.54 -0.86 6.12
CA MET A 14 3.96 -1.06 6.38
C MET A 14 4.58 0.18 7.00
N ALA A 15 3.74 1.16 7.34
CA ALA A 15 4.20 2.40 7.93
C ALA A 15 3.71 2.54 9.37
N LYS A 16 2.41 2.32 9.57
CA LYS A 16 1.80 2.42 10.89
C LYS A 16 2.77 1.94 11.97
N GLY A 17 3.24 0.71 11.83
CA GLY A 17 4.16 0.15 12.79
C GLY A 17 4.34 -1.35 12.65
N SER A 1 -3.39 1.49 -11.83
CA SER A 1 -2.63 0.26 -12.11
C SER A 1 -2.78 -0.73 -10.97
N ALA A 2 -2.30 -1.95 -11.18
CA ALA A 2 -2.37 -3.00 -10.17
C ALA A 2 -1.59 -2.60 -8.92
N ALA A 3 -0.38 -2.10 -9.12
CA ALA A 3 0.47 -1.69 -8.01
C ALA A 3 -0.11 -0.47 -7.30
N GLU A 4 -1.02 0.22 -7.97
CA GLU A 4 -1.65 1.41 -7.40
C GLU A 4 -2.89 1.04 -6.60
N ALA A 5 -3.47 -0.12 -6.92
CA ALA A 5 -4.66 -0.59 -6.23
C ALA A 5 -4.30 -1.54 -5.09
N TYR A 6 -3.18 -2.23 -5.23
CA TYR A 6 -2.72 -3.18 -4.21
C TYR A 6 -1.82 -2.48 -3.20
N ALA A 7 -0.62 -2.10 -3.64
CA ALA A 7 0.34 -1.42 -2.78
C ALA A 7 -0.36 -0.41 -1.87
N LYS A 8 -1.52 0.07 -2.30
CA LYS A 8 -2.28 1.03 -1.52
C LYS A 8 -2.22 0.71 -0.04
N ARG A 9 -2.78 -0.44 0.35
CA ARG A 9 -2.77 -0.87 1.74
C ARG A 9 -1.35 -1.03 2.26
N ILE A 10 -0.63 -1.99 1.69
CA ILE A 10 0.75 -2.25 2.10
C ILE A 10 1.46 -0.96 2.48
N ALA A 11 1.75 -0.13 1.48
CA ALA A 11 2.42 1.14 1.70
C ALA A 11 1.95 1.79 3.00
N GLU A 12 0.64 1.71 3.26
CA GLU A 12 0.07 2.29 4.46
C GLU A 12 0.39 1.44 5.69
N ALA A 13 -0.09 0.20 5.68
CA ALA A 13 0.14 -0.71 6.79
C ALA A 13 1.63 -0.96 7.00
N MET A 14 2.43 -0.48 6.05
CA MET A 14 3.88 -0.65 6.13
C MET A 14 4.57 0.67 6.47
N ALA A 15 3.76 1.68 6.81
CA ALA A 15 4.29 2.99 7.17
C ALA A 15 4.05 3.29 8.65
N LYS A 16 2.89 2.91 9.15
CA LYS A 16 2.55 3.14 10.55
C LYS A 16 3.54 2.43 11.48
N GLY A 17 3.81 1.16 11.20
CA GLY A 17 4.73 0.40 12.02
C GLY A 17 5.69 -0.43 11.18
#